data_6VBH
#
_entry.id   6VBH
#
_cell.length_a   64.438
_cell.length_b   173.403
_cell.length_c   101.608
_cell.angle_alpha   90.000
_cell.angle_beta   90.000
_cell.angle_gamma   90.000
#
_symmetry.space_group_name_H-M   'C 2 2 21'
#
loop_
_entity.id
_entity.type
_entity.pdbx_description
1 polymer 'DNA repair protein complementing XP-G cells,Flap endonuclease 1'
2 non-polymer 'SULFATE ION'
3 water water
#
_entity_poly.entity_id   1
_entity_poly.type   'polypeptide(L)'
_entity_poly.pdbx_seq_one_letter_code
;GVQGLWKLLECSGRQVSPEALEGKILAVDISIWLNQALKGVRDRHGNSIENPHLLTLFHRLCKLLFFRIRPIFVFDGDAP
LLKKKELEKRREAREEAEEKWREALEKGEIEEARKYAQRATRVNGQMFLESQELLRLFGIPYIQAPMEAEAQCAILDLTD
QTSGTITDDSDIWLFGARHVYRNFFNKNKFVEYYQYVDFHNQLGLDRNKLINLAYLLGSDYTEGIPTVGCVTAMEILNEF
PGHGLEPLLKFSEWWHEAQKNPKIRPNPHDTKVKKKLRTLQLTPGFPNPAVAEAYLKPVVDDSKGSFLWGKPDLDKIREF
CQRYFGWNRTKTDESLFPVLKQLDAQ
;
_entity_poly.pdbx_strand_id   A
#
# COMPACT_ATOMS: atom_id res chain seq x y z
N GLY A 1 -5.05 2.08 -2.83
CA GLY A 1 -5.87 2.97 -2.05
C GLY A 1 -7.31 2.82 -2.48
N VAL A 2 -8.20 3.48 -1.78
CA VAL A 2 -9.61 3.46 -2.13
C VAL A 2 -10.11 4.90 -2.19
N GLN A 3 -10.97 5.15 -3.18
CA GLN A 3 -11.41 6.50 -3.53
C GLN A 3 -12.41 6.97 -2.50
N GLY A 4 -12.02 7.91 -1.65
CA GLY A 4 -12.92 8.31 -0.62
C GLY A 4 -13.15 7.29 0.47
N LEU A 5 -12.49 6.15 0.48
CA LEU A 5 -12.66 5.31 1.68
C LEU A 5 -12.02 5.94 2.90
N TRP A 6 -10.84 6.54 2.75
CA TRP A 6 -10.29 7.23 3.89
C TRP A 6 -11.26 8.31 4.37
N LYS A 7 -12.12 8.78 3.48
CA LYS A 7 -13.07 9.82 3.88
C LYS A 7 -14.15 9.24 4.79
N LEU A 8 -14.68 8.06 4.46
CA LEU A 8 -15.69 7.48 5.36
C LEU A 8 -15.12 7.23 6.75
N LEU A 9 -13.82 6.94 6.85
CA LEU A 9 -13.22 6.53 8.11
C LEU A 9 -12.69 7.69 8.95
N GLU A 10 -12.76 8.95 8.47
CA GLU A 10 -12.12 10.05 9.19
C GLU A 10 -12.58 10.13 10.65
N CYS A 11 -13.85 9.83 10.92
CA CYS A 11 -14.35 10.06 12.27
C CYS A 11 -13.66 9.20 13.31
N SER A 12 -12.97 8.14 12.93
CA SER A 12 -12.40 7.25 13.92
C SER A 12 -10.91 7.45 14.07
N GLY A 13 -10.33 8.39 13.32
CA GLY A 13 -8.89 8.61 13.37
C GLY A 13 -8.56 9.50 14.55
N ARG A 14 -7.38 9.30 15.10
CA ARG A 14 -7.01 9.94 16.35
C ARG A 14 -5.61 10.52 16.17
N GLN A 15 -5.45 11.81 16.40
CA GLN A 15 -4.13 12.42 16.20
C GLN A 15 -3.17 12.00 17.30
N VAL A 16 -1.93 11.69 16.92
CA VAL A 16 -0.94 11.29 17.91
C VAL A 16 0.42 11.90 17.54
N SER A 17 1.24 12.06 18.53
CA SER A 17 2.58 12.55 18.25
C SER A 17 3.50 11.39 17.86
N PRO A 18 4.42 11.57 16.88
CA PRO A 18 5.31 10.47 16.49
C PRO A 18 6.03 9.85 17.71
N GLU A 19 6.09 10.62 18.79
CA GLU A 19 6.76 10.15 20.01
C GLU A 19 5.95 9.05 20.67
N ALA A 20 4.64 9.06 20.44
CA ALA A 20 3.76 7.98 20.87
C ALA A 20 4.12 6.62 20.26
N LEU A 21 5.10 6.52 19.36
CA LEU A 21 5.37 5.24 18.71
C LEU A 21 6.64 4.56 19.19
N GLU A 22 7.37 5.21 20.10
CA GLU A 22 8.66 4.72 20.53
C GLU A 22 8.58 3.29 21.00
N GLY A 23 9.46 2.44 20.50
CA GLY A 23 9.51 1.06 20.93
C GLY A 23 8.55 0.14 20.24
N LYS A 24 7.60 0.65 19.47
CA LYS A 24 6.62 -0.23 18.83
C LYS A 24 7.25 -0.95 17.64
N ILE A 25 6.92 -2.22 17.49
CA ILE A 25 7.17 -2.90 16.23
C ILE A 25 6.05 -2.56 15.27
N LEU A 26 6.40 -2.07 14.08
CA LEU A 26 5.39 -1.60 13.12
C LEU A 26 5.83 -1.97 11.72
N ALA A 27 4.94 -2.56 10.94
CA ALA A 27 5.29 -2.93 9.59
C ALA A 27 5.17 -1.75 8.62
N VAL A 28 5.99 -1.82 7.59
CA VAL A 28 5.97 -0.90 6.45
C VAL A 28 5.92 -1.71 5.16
N ASP A 29 5.00 -1.37 4.26
CA ASP A 29 4.96 -2.07 2.95
C ASP A 29 5.77 -1.28 1.92
N ILE A 30 6.99 -1.73 1.66
CA ILE A 30 7.81 -0.90 0.80
C ILE A 30 7.48 -1.09 -0.68
N SER A 31 6.82 -2.20 -1.04
CA SER A 31 6.48 -2.40 -2.45
C SER A 31 5.61 -1.28 -3.02
N ILE A 32 4.71 -0.71 -2.22
CA ILE A 32 3.95 0.45 -2.69
C ILE A 32 4.86 1.57 -3.13
N TRP A 33 5.91 1.86 -2.34
CA TRP A 33 6.79 2.96 -2.68
C TRP A 33 7.59 2.65 -3.93
N LEU A 34 7.94 1.40 -4.12
CA LEU A 34 8.74 1.09 -5.29
C LEU A 34 7.90 1.09 -6.56
N ASN A 35 6.65 0.65 -6.50
CA ASN A 35 5.83 0.53 -7.71
C ASN A 35 5.13 1.86 -8.01
N GLN A 36 5.93 2.87 -8.29
CA GLN A 36 5.42 4.20 -8.62
C GLN A 36 6.57 5.07 -9.15
N ALA A 37 6.20 6.21 -9.74
CA ALA A 37 7.13 7.09 -10.46
C ALA A 37 8.20 7.69 -9.56
N GLU A 50 19.07 12.90 -8.68
CA GLU A 50 19.42 11.56 -9.12
C GLU A 50 19.09 10.51 -8.06
N ASN A 51 18.63 9.35 -8.52
CA ASN A 51 18.14 8.29 -7.63
C ASN A 51 17.10 8.85 -6.68
N PRO A 52 16.02 9.44 -7.20
CA PRO A 52 15.02 10.04 -6.31
C PRO A 52 14.44 9.03 -5.34
N HIS A 53 14.14 7.84 -5.83
CA HIS A 53 13.58 6.81 -4.99
C HIS A 53 14.45 6.58 -3.76
N LEU A 54 15.76 6.46 -3.99
CA LEU A 54 16.67 6.16 -2.89
C LEU A 54 16.76 7.29 -1.90
N LEU A 55 16.78 8.53 -2.40
CA LEU A 55 16.82 9.66 -1.51
C LEU A 55 15.61 9.64 -0.58
N THR A 56 14.43 9.41 -1.14
CA THR A 56 13.24 9.40 -0.29
C THR A 56 13.31 8.24 0.70
N LEU A 57 13.71 7.06 0.24
CA LEU A 57 13.83 5.96 1.18
C LEU A 57 14.81 6.32 2.30
N PHE A 58 15.92 6.95 1.96
CA PHE A 58 16.91 7.29 2.99
C PHE A 58 16.27 8.13 4.08
N HIS A 59 15.65 9.24 3.67
CA HIS A 59 15.06 10.12 4.67
C HIS A 59 14.01 9.38 5.50
N ARG A 60 13.23 8.50 4.88
CA ARG A 60 12.17 7.84 5.65
C ARG A 60 12.75 6.89 6.70
N LEU A 61 13.82 6.16 6.37
CA LEU A 61 14.50 5.33 7.36
C LEU A 61 15.05 6.19 8.51
N CYS A 62 15.69 7.32 8.19
CA CYS A 62 16.12 8.21 9.27
C CYS A 62 14.96 8.60 10.20
N LYS A 63 13.80 8.92 9.65
CA LYS A 63 12.72 9.36 10.53
C LYS A 63 12.22 8.23 11.40
N LEU A 64 12.11 7.01 10.86
CA LEU A 64 11.63 5.91 11.68
C LEU A 64 12.52 5.68 12.86
N LEU A 65 13.84 5.60 12.63
CA LEU A 65 14.68 5.27 13.77
C LEU A 65 14.91 6.43 14.68
N PHE A 66 14.80 7.66 14.16
CA PHE A 66 14.89 8.84 15.04
C PHE A 66 13.87 8.75 16.14
N PHE A 67 12.73 8.11 15.87
CA PHE A 67 11.70 7.99 16.86
C PHE A 67 11.69 6.62 17.51
N ARG A 68 12.80 5.90 17.44
CA ARG A 68 12.99 4.67 18.21
C ARG A 68 11.94 3.61 17.86
N ILE A 69 11.32 3.72 16.68
CA ILE A 69 10.44 2.63 16.18
C ILE A 69 11.27 1.42 15.80
N ARG A 70 10.67 0.22 15.89
CA ARG A 70 11.29 -1.03 15.43
C ARG A 70 10.53 -1.46 14.19
N PRO A 71 10.91 -1.00 12.99
CA PRO A 71 10.13 -1.30 11.80
C PRO A 71 10.45 -2.69 11.31
N ILE A 72 9.51 -3.26 10.60
CA ILE A 72 9.70 -4.51 9.87
C ILE A 72 9.19 -4.25 8.46
N PHE A 73 10.06 -4.34 7.45
CA PHE A 73 9.70 -3.95 6.10
C PHE A 73 9.24 -5.17 5.32
N VAL A 74 8.18 -5.02 4.53
CA VAL A 74 7.61 -6.16 3.78
C VAL A 74 7.59 -5.86 2.28
N PHE A 75 8.24 -6.71 1.48
CA PHE A 75 8.16 -6.62 0.03
C PHE A 75 7.16 -7.61 -0.49
N ASP A 76 6.54 -7.29 -1.62
CA ASP A 76 5.75 -8.23 -2.37
C ASP A 76 6.58 -9.44 -2.80
N GLY A 77 5.93 -10.56 -2.91
CA GLY A 77 6.50 -11.53 -3.81
C GLY A 77 5.76 -11.44 -5.12
N ASP A 78 4.95 -12.46 -5.37
CA ASP A 78 4.20 -12.56 -6.61
C ASP A 78 2.83 -12.00 -6.29
N ALA A 79 2.70 -10.69 -6.39
CA ALA A 79 1.51 -10.01 -5.96
C ALA A 79 0.47 -10.07 -7.06
N PRO A 80 -0.75 -10.47 -6.78
CA PRO A 80 -1.74 -10.50 -7.87
C PRO A 80 -2.02 -9.10 -8.38
N LEU A 81 -2.08 -9.01 -9.71
CA LEU A 81 -2.42 -7.79 -10.43
C LEU A 81 -3.78 -8.02 -11.05
N LEU A 82 -4.85 -7.42 -10.48
CA LEU A 82 -6.21 -7.75 -10.91
C LEU A 82 -7.03 -6.63 -11.55
N LYS A 83 -6.55 -5.40 -11.49
CA LYS A 83 -7.25 -4.29 -12.13
C LYS A 83 -6.86 -4.23 -13.61
N LYS A 84 -7.85 -4.27 -14.51
CA LYS A 84 -7.54 -4.15 -15.94
C LYS A 84 -6.70 -2.91 -16.26
N LYS A 85 -7.07 -1.76 -15.66
CA LYS A 85 -6.31 -0.54 -15.83
C LYS A 85 -4.81 -0.78 -15.66
N GLU A 86 -4.41 -1.41 -14.55
CA GLU A 86 -3.00 -1.70 -14.30
C GLU A 86 -2.49 -2.85 -15.19
N LEU A 87 -3.38 -3.69 -15.73
CA LEU A 87 -3.03 -4.71 -16.73
C LEU A 87 -3.02 -4.17 -18.16
N GLU A 88 -3.13 -2.86 -18.31
CA GLU A 88 -2.84 -2.17 -19.55
C GLU A 88 -1.73 -1.15 -19.41
N LYS A 89 -1.60 -0.49 -18.25
CA LYS A 89 -0.50 0.45 -18.03
C LYS A 89 0.78 -0.29 -17.63
N ARG A 90 0.67 -1.29 -16.75
CA ARG A 90 1.81 -2.19 -16.55
C ARG A 90 1.99 -3.17 -17.71
N ARG A 91 1.03 -3.24 -18.63
CA ARG A 91 1.26 -3.97 -19.87
C ARG A 91 1.80 -3.07 -20.99
N GLU A 92 1.66 -1.75 -20.89
CA GLU A 92 2.21 -0.82 -21.87
C GLU A 92 3.37 0.00 -21.31
N ALA A 93 3.91 -0.40 -20.16
CA ALA A 93 5.15 0.14 -19.62
C ALA A 93 6.34 -0.80 -19.79
N ARG A 94 6.11 -2.12 -19.81
CA ARG A 94 7.17 -3.08 -20.12
C ARG A 94 7.39 -3.19 -21.64
N GLU A 95 6.34 -2.96 -22.45
CA GLU A 95 6.39 -3.08 -23.90
C GLU A 95 6.81 -1.77 -24.59
N GLU A 96 7.20 -0.75 -23.81
CA GLU A 96 7.80 0.48 -24.30
C GLU A 96 9.27 0.62 -23.86
N ALA A 97 9.70 -0.14 -22.85
CA ALA A 97 11.11 -0.27 -22.52
C ALA A 97 11.85 -1.20 -23.47
N GLU A 98 11.14 -2.13 -24.10
CA GLU A 98 11.72 -2.94 -25.17
C GLU A 98 11.97 -2.09 -26.41
N GLU A 99 11.01 -1.25 -26.80
CA GLU A 99 11.13 -0.49 -28.05
C GLU A 99 12.33 0.45 -28.02
N LYS A 100 12.72 0.92 -26.84
CA LYS A 100 13.88 1.79 -26.67
C LYS A 100 15.12 1.03 -26.21
N TRP A 101 14.94 -0.17 -25.65
CA TRP A 101 16.07 -1.06 -25.37
C TRP A 101 16.66 -1.63 -26.67
N ARG A 102 15.83 -2.33 -27.44
CA ARG A 102 16.27 -2.91 -28.72
CA ARG A 102 16.28 -2.91 -28.71
C ARG A 102 16.90 -1.84 -29.61
N GLU A 103 16.36 -0.61 -29.55
CA GLU A 103 16.90 0.49 -30.34
C GLU A 103 18.22 0.98 -29.74
N ALA A 104 18.24 1.21 -28.43
CA ALA A 104 19.44 1.67 -27.75
C ALA A 104 20.61 0.72 -27.94
N LEU A 105 20.36 -0.55 -28.27
CA LEU A 105 21.47 -1.44 -28.60
C LEU A 105 21.96 -1.26 -30.03
N GLU A 106 21.09 -0.86 -30.95
CA GLU A 106 21.53 -0.58 -32.31
C GLU A 106 22.19 0.79 -32.44
N LYS A 107 22.07 1.66 -31.45
CA LYS A 107 22.87 2.90 -31.47
C LYS A 107 24.27 2.66 -30.92
N GLY A 108 24.39 2.25 -29.66
CA GLY A 108 25.67 1.98 -29.04
C GLY A 108 25.69 2.21 -27.54
N GLU A 109 24.82 3.10 -27.05
CA GLU A 109 24.75 3.46 -25.64
C GLU A 109 24.44 2.25 -24.77
N ILE A 110 25.45 1.71 -24.09
CA ILE A 110 25.26 0.54 -23.24
C ILE A 110 24.85 0.91 -21.82
N GLU A 111 25.23 2.10 -21.34
CA GLU A 111 24.83 2.53 -20.01
C GLU A 111 23.31 2.70 -19.93
N GLU A 112 22.71 3.30 -20.97
CA GLU A 112 21.27 3.45 -21.07
C GLU A 112 20.56 2.15 -21.41
N ALA A 113 21.25 1.19 -22.02
CA ALA A 113 20.64 -0.09 -22.35
C ALA A 113 20.42 -0.96 -21.12
N ARG A 114 21.16 -0.75 -20.04
CA ARG A 114 20.96 -1.46 -18.77
C ARG A 114 19.94 -0.77 -17.87
N LYS A 115 19.44 0.41 -18.27
CA LYS A 115 18.34 1.05 -17.54
C LYS A 115 16.99 0.48 -17.98
N TYR A 116 16.71 0.48 -19.28
CA TYR A 116 15.47 -0.05 -19.85
C TYR A 116 15.44 -1.58 -19.88
N ALA A 117 16.50 -2.25 -19.45
CA ALA A 117 16.48 -3.69 -19.32
C ALA A 117 15.86 -4.13 -17.99
N GLN A 118 16.10 -3.37 -16.92
CA GLN A 118 15.48 -3.66 -15.62
C GLN A 118 14.02 -3.23 -15.56
N ARG A 119 13.53 -2.47 -16.55
CA ARG A 119 12.12 -2.13 -16.65
C ARG A 119 11.30 -3.14 -17.45
N ALA A 120 11.94 -3.91 -18.32
CA ALA A 120 11.22 -4.89 -19.11
C ALA A 120 10.62 -5.99 -18.24
N THR A 121 11.25 -6.32 -17.12
CA THR A 121 10.84 -7.46 -16.30
C THR A 121 9.68 -7.09 -15.37
N ARG A 122 9.05 -8.13 -14.80
CA ARG A 122 7.84 -7.95 -14.00
C ARG A 122 8.13 -7.19 -12.70
N VAL A 123 9.33 -7.34 -12.15
CA VAL A 123 9.77 -6.58 -10.97
C VAL A 123 11.25 -6.22 -11.15
N ASN A 124 11.57 -4.95 -10.87
CA ASN A 124 12.92 -4.44 -11.07
C ASN A 124 13.92 -5.14 -10.13
N GLY A 125 15.13 -5.37 -10.65
CA GLY A 125 16.20 -5.94 -9.87
C GLY A 125 17.01 -4.87 -9.14
N GLN A 126 17.27 -3.73 -9.78
CA GLN A 126 18.13 -2.71 -9.17
C GLN A 126 17.50 -2.15 -7.89
N MET A 127 16.28 -1.61 -7.97
CA MET A 127 15.66 -1.04 -6.78
C MET A 127 15.55 -2.11 -5.69
N PHE A 128 14.98 -3.27 -6.00
CA PHE A 128 14.80 -4.31 -4.99
C PHE A 128 16.09 -4.45 -4.17
N LEU A 129 17.20 -4.72 -4.86
CA LEU A 129 18.45 -5.04 -4.18
C LEU A 129 19.03 -3.83 -3.45
N GLU A 130 19.03 -2.65 -4.08
CA GLU A 130 19.59 -1.48 -3.42
C GLU A 130 18.77 -1.11 -2.18
N SER A 131 17.45 -1.22 -2.25
CA SER A 131 16.60 -0.99 -1.08
C SER A 131 16.92 -1.96 0.05
N GLN A 132 17.09 -3.25 -0.30
CA GLN A 132 17.48 -4.21 0.73
C GLN A 132 18.84 -3.81 1.31
N GLU A 133 19.75 -3.36 0.44
CA GLU A 133 21.07 -2.93 0.88
C GLU A 133 20.97 -1.86 1.95
N LEU A 134 20.26 -0.78 1.64
CA LEU A 134 20.08 0.29 2.61
C LEU A 134 19.48 -0.21 3.92
N LEU A 135 18.48 -1.10 3.86
CA LEU A 135 17.86 -1.59 5.10
C LEU A 135 18.89 -2.35 5.94
N ARG A 136 19.62 -3.27 5.33
CA ARG A 136 20.70 -3.94 6.05
C ARG A 136 21.63 -2.94 6.72
N LEU A 137 22.06 -1.90 5.99
CA LEU A 137 22.94 -0.87 6.56
C LEU A 137 22.32 -0.20 7.77
N PHE A 138 21.00 -0.01 7.79
CA PHE A 138 20.42 0.58 9.00
C PHE A 138 20.09 -0.44 10.06
N GLY A 139 20.27 -1.74 9.79
CA GLY A 139 19.95 -2.75 10.76
C GLY A 139 18.47 -3.01 10.86
N ILE A 140 17.72 -2.72 9.80
CA ILE A 140 16.26 -2.80 9.81
C ILE A 140 15.87 -4.11 9.10
N PRO A 141 15.20 -5.03 9.78
CA PRO A 141 14.88 -6.32 9.15
C PRO A 141 13.87 -6.13 8.04
N TYR A 142 13.83 -7.10 7.12
CA TYR A 142 12.72 -7.17 6.14
C TYR A 142 12.42 -8.62 5.79
N ILE A 143 11.20 -8.84 5.27
CA ILE A 143 10.75 -10.17 4.85
C ILE A 143 10.11 -10.00 3.48
N GLN A 144 9.94 -11.11 2.77
CA GLN A 144 9.20 -11.14 1.53
C GLN A 144 7.93 -11.93 1.79
N ALA A 145 6.81 -11.27 1.59
CA ALA A 145 5.53 -11.95 1.66
C ALA A 145 5.45 -12.97 0.55
N PRO A 146 4.72 -14.07 0.75
CA PRO A 146 4.59 -15.00 -0.36
C PRO A 146 3.91 -14.35 -1.55
N MET A 147 2.87 -13.55 -1.32
CA MET A 147 2.22 -12.85 -2.41
C MET A 147 2.06 -11.37 -2.07
N GLU A 148 0.88 -10.89 -1.73
CA GLU A 148 0.69 -9.43 -1.58
C GLU A 148 1.17 -8.96 -0.22
N ALA A 149 2.01 -7.89 -0.20
CA ALA A 149 2.61 -7.43 1.04
C ALA A 149 1.58 -6.84 2.01
N GLU A 150 0.52 -6.17 1.52
CA GLU A 150 -0.42 -5.58 2.48
C GLU A 150 -1.09 -6.67 3.31
N ALA A 151 -1.36 -7.81 2.69
CA ALA A 151 -2.01 -8.93 3.37
C ALA A 151 -1.12 -9.49 4.45
N GLN A 152 0.18 -9.62 4.12
CA GLN A 152 1.18 -10.08 5.09
C GLN A 152 1.26 -9.09 6.25
N CYS A 153 1.25 -7.79 5.95
CA CYS A 153 1.24 -6.83 7.05
C CYS A 153 0.07 -7.08 7.97
N ALA A 154 -1.11 -7.34 7.38
CA ALA A 154 -2.29 -7.45 8.20
C ALA A 154 -2.20 -8.68 9.07
N ILE A 155 -1.63 -9.77 8.55
CA ILE A 155 -1.59 -10.97 9.36
C ILE A 155 -0.58 -10.82 10.49
N LEU A 156 0.48 -10.06 10.25
CA LEU A 156 1.40 -9.78 11.36
C LEU A 156 0.69 -8.99 12.45
N ASP A 157 -0.15 -8.05 12.05
CA ASP A 157 -0.88 -7.27 13.06
C ASP A 157 -1.88 -8.18 13.79
N LEU A 158 -2.58 -9.04 13.05
CA LEU A 158 -3.59 -9.93 13.64
C LEU A 158 -3.01 -11.01 14.52
N THR A 159 -1.78 -11.46 14.25
CA THR A 159 -1.09 -12.41 15.11
C THR A 159 -0.22 -11.73 16.18
N ASP A 160 -0.42 -10.44 16.43
CA ASP A 160 0.31 -9.75 17.49
C ASP A 160 1.84 -9.77 17.31
N GLN A 161 2.37 -9.95 16.08
CA GLN A 161 3.80 -9.79 15.85
C GLN A 161 4.21 -8.33 15.68
N THR A 162 3.23 -7.44 15.48
CA THR A 162 3.44 -6.00 15.39
C THR A 162 2.35 -5.32 16.18
N SER A 163 2.52 -4.02 16.40
CA SER A 163 1.46 -3.15 16.91
C SER A 163 0.72 -2.47 15.79
N GLY A 164 0.98 -2.86 14.53
CA GLY A 164 0.24 -2.31 13.43
C GLY A 164 1.13 -2.04 12.24
N THR A 165 0.62 -1.20 11.36
CA THR A 165 1.20 -0.96 10.05
C THR A 165 1.22 0.53 9.71
N ILE A 166 2.34 1.04 9.23
CA ILE A 166 2.45 2.42 8.80
C ILE A 166 2.21 2.42 7.29
N THR A 167 1.07 2.96 6.83
CA THR A 167 0.79 2.97 5.39
C THR A 167 -0.33 3.95 5.09
N ASP A 168 -0.34 4.47 3.86
CA ASP A 168 -1.45 5.30 3.37
C ASP A 168 -2.47 4.54 2.53
N ASP A 169 -2.34 3.23 2.40
CA ASP A 169 -3.15 2.44 1.48
C ASP A 169 -4.34 1.84 2.21
N SER A 170 -5.53 2.35 1.96
CA SER A 170 -6.71 1.86 2.68
C SER A 170 -7.05 0.42 2.34
N ASP A 171 -6.49 -0.14 1.28
CA ASP A 171 -6.78 -1.56 1.05
C ASP A 171 -6.37 -2.38 2.27
N ILE A 172 -5.54 -1.82 3.12
CA ILE A 172 -5.03 -2.64 4.21
C ILE A 172 -6.21 -3.10 5.06
N TRP A 173 -7.27 -2.31 5.10
CA TRP A 173 -8.40 -2.69 5.94
C TRP A 173 -9.10 -3.92 5.36
N LEU A 174 -9.13 -4.02 4.03
CA LEU A 174 -9.87 -5.12 3.41
C LEU A 174 -9.21 -6.43 3.72
N PHE A 175 -7.91 -6.41 4.05
CA PHE A 175 -7.19 -7.61 4.42
C PHE A 175 -7.29 -7.93 5.89
N GLY A 176 -8.11 -7.20 6.64
CA GLY A 176 -8.38 -7.54 8.03
C GLY A 176 -7.50 -6.84 9.03
N ALA A 177 -6.81 -5.78 8.62
CA ALA A 177 -5.95 -5.08 9.53
C ALA A 177 -6.74 -4.38 10.62
N ARG A 178 -6.09 -4.14 11.75
CA ARG A 178 -6.75 -3.66 12.94
C ARG A 178 -6.14 -2.38 13.49
N HIS A 179 -4.87 -2.11 13.25
CA HIS A 179 -4.17 -0.95 13.82
C HIS A 179 -3.31 -0.31 12.73
N VAL A 180 -3.61 0.92 12.32
CA VAL A 180 -2.93 1.52 11.17
C VAL A 180 -2.58 2.97 11.50
N TYR A 181 -1.37 3.39 11.10
CA TYR A 181 -0.87 4.76 11.29
C TYR A 181 -0.65 5.41 9.93
N ARG A 182 -1.35 6.50 9.68
CA ARG A 182 -1.40 7.21 8.40
C ARG A 182 -0.67 8.53 8.53
N ASN A 183 -0.11 8.99 7.41
CA ASN A 183 0.50 10.33 7.23
C ASN A 183 1.80 10.51 8.03
N PHE A 184 2.55 9.43 8.21
CA PHE A 184 3.70 9.52 9.09
C PHE A 184 4.87 10.24 8.43
N PHE A 185 4.90 10.32 7.10
CA PHE A 185 6.03 10.91 6.40
C PHE A 185 5.75 12.27 5.81
N ASN A 186 4.54 12.80 5.97
CA ASN A 186 4.30 14.17 5.57
C ASN A 186 4.95 15.13 6.56
N LYS A 187 4.83 16.41 6.24
CA LYS A 187 5.41 17.44 7.08
C LYS A 187 4.52 17.83 8.25
N ASN A 188 3.27 17.39 8.31
CA ASN A 188 2.38 17.86 9.35
C ASN A 188 2.80 17.34 10.73
N LYS A 189 2.26 17.97 11.78
CA LYS A 189 2.75 17.76 13.13
C LYS A 189 2.29 16.43 13.71
N PHE A 190 0.98 16.18 13.70
CA PHE A 190 0.39 14.98 14.24
C PHE A 190 0.11 13.97 13.13
N VAL A 191 0.30 12.69 13.46
CA VAL A 191 0.02 11.59 12.56
C VAL A 191 -1.31 10.97 12.98
N GLU A 192 -1.92 10.16 12.13
CA GLU A 192 -3.31 9.74 12.39
C GLU A 192 -3.31 8.26 12.72
N TYR A 193 -3.81 7.87 13.89
CA TYR A 193 -3.87 6.46 14.30
C TYR A 193 -5.34 5.97 14.30
N TYR A 194 -5.56 4.84 13.63
CA TYR A 194 -6.87 4.25 13.38
C TYR A 194 -6.93 2.86 13.95
N GLN A 195 -8.05 2.58 14.64
CA GLN A 195 -8.37 1.25 15.18
C GLN A 195 -9.66 0.72 14.59
N TYR A 196 -9.62 -0.57 14.18
CA TYR A 196 -10.81 -1.27 13.70
C TYR A 196 -11.92 -1.18 14.72
N VAL A 197 -11.64 -1.50 16.00
CA VAL A 197 -12.74 -1.50 16.96
C VAL A 197 -13.48 -0.16 16.87
N ASP A 198 -12.76 0.93 16.64
CA ASP A 198 -13.40 2.25 16.62
C ASP A 198 -14.34 2.36 15.44
N PHE A 199 -13.83 2.23 14.23
CA PHE A 199 -14.75 2.51 13.14
C PHE A 199 -15.80 1.40 13.02
N HIS A 200 -15.51 0.19 13.52
CA HIS A 200 -16.53 -0.84 13.59
C HIS A 200 -17.69 -0.39 14.47
N ASN A 201 -17.36 0.17 15.63
CA ASN A 201 -18.41 0.55 16.58
C ASN A 201 -19.08 1.88 16.21
N GLN A 202 -18.33 2.85 15.68
CA GLN A 202 -18.91 4.15 15.33
C GLN A 202 -19.71 4.09 14.04
N LEU A 203 -19.40 3.16 13.10
CA LEU A 203 -20.12 3.09 11.83
C LEU A 203 -20.70 1.74 11.54
N GLY A 204 -20.43 0.75 12.38
CA GLY A 204 -21.01 -0.55 12.10
C GLY A 204 -20.34 -1.29 10.97
N LEU A 205 -19.17 -0.85 10.50
CA LEU A 205 -18.54 -1.47 9.33
C LEU A 205 -17.64 -2.62 9.73
N ASP A 206 -17.74 -3.73 9.00
CA ASP A 206 -16.87 -4.87 9.20
C ASP A 206 -16.21 -5.19 7.85
N ARG A 207 -15.46 -6.30 7.82
CA ARG A 207 -14.60 -6.56 6.67
C ARG A 207 -15.43 -6.67 5.39
N ASN A 208 -16.57 -7.39 5.44
CA ASN A 208 -17.37 -7.59 4.24
C ASN A 208 -17.91 -6.27 3.72
N LYS A 209 -18.38 -5.40 4.63
CA LYS A 209 -18.98 -4.17 4.17
C LYS A 209 -17.93 -3.28 3.52
N LEU A 210 -16.72 -3.24 4.09
CA LEU A 210 -15.60 -2.56 3.43
C LEU A 210 -15.34 -3.12 2.05
N ILE A 211 -15.36 -4.43 1.91
CA ILE A 211 -15.13 -5.01 0.59
C ILE A 211 -16.20 -4.55 -0.39
N ASN A 212 -17.47 -4.60 0.00
CA ASN A 212 -18.48 -4.08 -0.91
C ASN A 212 -18.24 -2.62 -1.27
N LEU A 213 -17.81 -1.79 -0.31
CA LEU A 213 -17.50 -0.40 -0.69
C LEU A 213 -16.39 -0.37 -1.73
N ALA A 214 -15.37 -1.23 -1.59
CA ALA A 214 -14.31 -1.28 -2.60
C ALA A 214 -14.87 -1.65 -3.98
N TYR A 215 -15.80 -2.58 -4.06
CA TYR A 215 -16.34 -2.88 -5.40
C TYR A 215 -17.01 -1.66 -6.01
N LEU A 216 -17.60 -0.79 -5.17
CA LEU A 216 -18.29 0.39 -5.73
C LEU A 216 -17.34 1.55 -6.01
N LEU A 217 -16.55 1.92 -5.01
CA LEU A 217 -15.63 3.03 -5.10
C LEU A 217 -14.43 2.76 -5.98
N GLY A 218 -13.99 1.52 -6.04
CA GLY A 218 -12.72 1.21 -6.66
C GLY A 218 -11.63 1.09 -5.63
N SER A 219 -10.67 0.20 -5.90
CA SER A 219 -9.60 -0.10 -4.94
C SER A 219 -8.40 -0.67 -5.73
N ASP A 220 -7.35 -1.14 -5.02
CA ASP A 220 -6.21 -1.66 -5.77
C ASP A 220 -6.59 -2.81 -6.71
N TYR A 221 -7.70 -3.51 -6.45
CA TYR A 221 -8.06 -4.67 -7.23
C TYR A 221 -9.23 -4.47 -8.19
N THR A 222 -9.93 -3.33 -8.15
CA THR A 222 -11.11 -3.11 -9.01
C THR A 222 -11.20 -1.64 -9.35
N GLU A 223 -11.79 -1.37 -10.53
CA GLU A 223 -11.89 0.01 -11.00
C GLU A 223 -12.97 0.78 -10.28
N GLY A 224 -13.98 0.09 -9.77
CA GLY A 224 -15.15 0.77 -9.22
C GLY A 224 -16.10 1.11 -10.33
N ILE A 225 -17.23 1.69 -9.94
CA ILE A 225 -18.28 2.11 -10.88
C ILE A 225 -18.07 3.58 -11.20
N PRO A 226 -18.03 3.98 -12.46
CA PRO A 226 -17.74 5.38 -12.76
C PRO A 226 -18.74 6.26 -12.05
N THR A 227 -18.24 7.40 -11.56
CA THR A 227 -18.91 8.48 -10.85
C THR A 227 -19.41 8.12 -9.45
N VAL A 228 -19.11 6.93 -8.92
CA VAL A 228 -19.64 6.51 -7.63
C VAL A 228 -18.62 6.86 -6.56
N GLY A 229 -18.97 7.84 -5.69
CA GLY A 229 -18.20 8.22 -4.54
C GLY A 229 -18.84 7.77 -3.24
N CYS A 230 -18.38 8.38 -2.13
CA CYS A 230 -18.89 7.99 -0.81
C CYS A 230 -20.40 8.09 -0.76
N VAL A 231 -20.96 9.14 -1.34
CA VAL A 231 -22.40 9.36 -1.25
C VAL A 231 -23.18 8.25 -1.95
N THR A 232 -22.93 8.05 -3.26
CA THR A 232 -23.71 7.05 -3.98
C THR A 232 -23.48 5.67 -3.39
N ALA A 233 -22.27 5.41 -2.96
CA ALA A 233 -21.99 4.06 -2.48
C ALA A 233 -22.71 3.79 -1.17
N MET A 234 -22.69 4.76 -0.24
CA MET A 234 -23.49 4.57 0.98
C MET A 234 -24.96 4.38 0.64
N GLU A 235 -25.47 5.12 -0.36
CA GLU A 235 -26.91 4.95 -0.63
C GLU A 235 -27.20 3.60 -1.20
N ILE A 236 -26.23 3.05 -1.92
CA ILE A 236 -26.46 1.73 -2.51
C ILE A 236 -26.51 0.70 -1.39
N LEU A 237 -25.55 0.73 -0.49
CA LEU A 237 -25.61 -0.25 0.57
C LEU A 237 -26.72 0.04 1.58
N ASN A 238 -27.19 1.28 1.70
CA ASN A 238 -28.42 1.48 2.46
C ASN A 238 -29.61 0.81 1.77
N GLU A 239 -29.72 0.98 0.45
CA GLU A 239 -30.94 0.50 -0.23
C GLU A 239 -31.00 -1.04 -0.33
N PHE A 240 -29.85 -1.75 -0.39
CA PHE A 240 -29.82 -3.21 -0.61
C PHE A 240 -29.14 -3.92 0.53
N PRO A 241 -29.85 -4.21 1.62
CA PRO A 241 -29.24 -4.94 2.72
C PRO A 241 -29.11 -6.43 2.38
N GLY A 242 -28.34 -7.10 3.22
CA GLY A 242 -27.90 -8.46 2.96
C GLY A 242 -26.55 -8.65 3.62
N HIS A 243 -26.02 -9.88 3.49
CA HIS A 243 -24.82 -10.29 4.19
C HIS A 243 -23.77 -10.68 3.16
N GLY A 244 -22.47 -10.54 3.54
CA GLY A 244 -21.40 -10.82 2.60
C GLY A 244 -21.60 -10.01 1.35
N LEU A 245 -21.53 -10.63 0.22
CA LEU A 245 -21.77 -9.97 -1.07
C LEU A 245 -23.22 -9.82 -1.47
N GLU A 246 -24.17 -10.36 -0.69
N GLU A 246 -24.18 -10.30 -0.68
CA GLU A 246 -25.56 -10.26 -1.11
CA GLU A 246 -25.56 -10.27 -1.14
C GLU A 246 -25.92 -8.85 -1.52
C GLU A 246 -26.01 -8.84 -1.50
N PRO A 247 -25.51 -7.78 -0.81
CA PRO A 247 -25.94 -6.43 -1.21
C PRO A 247 -25.63 -6.07 -2.67
N LEU A 248 -24.46 -6.43 -3.18
CA LEU A 248 -24.11 -6.08 -4.57
C LEU A 248 -24.79 -7.01 -5.57
N LEU A 249 -24.97 -8.29 -5.22
CA LEU A 249 -25.78 -9.20 -6.04
C LEU A 249 -27.17 -8.63 -6.28
N LYS A 250 -27.88 -8.29 -5.20
CA LYS A 250 -29.21 -7.69 -5.35
C LYS A 250 -29.10 -6.39 -6.12
N PHE A 251 -28.11 -5.55 -5.80
CA PHE A 251 -27.98 -4.30 -6.55
C PHE A 251 -27.90 -4.64 -8.03
N SER A 252 -27.06 -5.63 -8.36
N SER A 252 -26.99 -5.56 -8.39
CA SER A 252 -26.78 -5.86 -9.77
CA SER A 252 -26.76 -5.85 -9.79
C SER A 252 -28.04 -6.30 -10.49
C SER A 252 -28.06 -6.27 -10.47
N GLU A 253 -28.83 -7.16 -9.84
CA GLU A 253 -30.05 -7.65 -10.47
C GLU A 253 -31.02 -6.52 -10.69
N TRP A 254 -31.19 -5.65 -9.67
CA TRP A 254 -32.11 -4.54 -9.86
C TRP A 254 -31.66 -3.76 -11.07
N TRP A 255 -30.36 -3.50 -11.15
CA TRP A 255 -29.90 -2.61 -12.20
C TRP A 255 -30.13 -3.24 -13.54
N HIS A 256 -30.16 -4.57 -13.58
CA HIS A 256 -30.32 -5.23 -14.86
C HIS A 256 -31.79 -5.15 -15.28
N GLU A 257 -32.69 -5.51 -14.37
CA GLU A 257 -34.11 -5.43 -14.70
C GLU A 257 -34.54 -4.02 -14.97
N ALA A 258 -33.88 -3.06 -14.32
CA ALA A 258 -34.20 -1.64 -14.46
C ALA A 258 -33.73 -1.08 -15.79
N GLN A 259 -32.94 -1.83 -16.54
CA GLN A 259 -32.72 -1.51 -17.94
C GLN A 259 -33.72 -2.17 -18.86
N LYS A 260 -34.33 -3.29 -18.46
CA LYS A 260 -35.28 -3.97 -19.35
C LYS A 260 -36.58 -3.18 -19.45
N ASN A 261 -37.24 -2.98 -18.32
CA ASN A 261 -38.51 -2.24 -18.30
C ASN A 261 -39.58 -2.95 -19.15
N ASP A 270 -38.33 4.68 -8.55
CA ASP A 270 -38.88 5.94 -9.04
C ASP A 270 -38.46 7.14 -8.17
N THR A 271 -37.77 6.87 -7.05
CA THR A 271 -37.22 7.92 -6.19
C THR A 271 -36.00 8.59 -6.84
N LYS A 272 -35.43 9.58 -6.12
CA LYS A 272 -34.22 10.26 -6.59
C LYS A 272 -33.04 9.32 -6.62
N VAL A 273 -32.98 8.45 -5.61
CA VAL A 273 -31.88 7.50 -5.48
C VAL A 273 -31.99 6.49 -6.61
N LYS A 274 -33.16 5.86 -6.76
CA LYS A 274 -33.36 4.85 -7.82
C LYS A 274 -33.00 5.43 -9.18
N LYS A 275 -33.53 6.60 -9.52
CA LYS A 275 -33.17 7.26 -10.79
C LYS A 275 -31.66 7.31 -10.98
N LYS A 276 -30.99 7.98 -10.04
CA LYS A 276 -29.53 8.05 -10.09
C LYS A 276 -28.91 6.67 -10.35
N LEU A 277 -29.30 5.66 -9.56
CA LEU A 277 -28.67 4.36 -9.67
C LEU A 277 -28.92 3.75 -11.04
N ARG A 278 -30.14 3.92 -11.53
CA ARG A 278 -30.54 3.46 -12.85
C ARG A 278 -29.52 3.87 -13.90
N THR A 279 -29.06 5.11 -13.85
CA THR A 279 -28.18 5.55 -14.94
C THR A 279 -26.73 5.06 -14.84
N LEU A 280 -26.34 4.38 -13.77
CA LEU A 280 -24.94 3.99 -13.64
C LEU A 280 -24.62 2.86 -14.61
N GLN A 281 -23.33 2.75 -14.97
CA GLN A 281 -22.87 1.74 -15.92
C GLN A 281 -22.08 0.65 -15.18
N LEU A 282 -22.65 -0.55 -15.14
CA LEU A 282 -22.03 -1.70 -14.49
C LEU A 282 -21.53 -2.67 -15.55
N THR A 283 -20.37 -3.27 -15.32
CA THR A 283 -19.84 -4.24 -16.28
C THR A 283 -20.66 -5.51 -16.24
N PRO A 284 -20.61 -6.31 -17.30
CA PRO A 284 -21.45 -7.51 -17.32
C PRO A 284 -21.13 -8.48 -16.20
N GLY A 285 -19.86 -8.57 -15.78
CA GLY A 285 -19.52 -9.52 -14.74
C GLY A 285 -19.40 -8.89 -13.38
N PHE A 286 -20.41 -8.09 -13.02
CA PHE A 286 -20.37 -7.31 -11.80
C PHE A 286 -21.45 -7.85 -10.87
N PRO A 287 -21.16 -8.27 -9.66
CA PRO A 287 -19.86 -8.21 -9.01
C PRO A 287 -19.07 -9.48 -9.26
N ASN A 288 -17.76 -9.35 -9.41
CA ASN A 288 -16.95 -10.52 -9.69
C ASN A 288 -16.47 -11.10 -8.35
N PRO A 289 -17.03 -12.22 -7.87
CA PRO A 289 -16.70 -12.70 -6.49
C PRO A 289 -15.24 -13.02 -6.28
N ALA A 290 -14.44 -13.08 -7.34
CA ALA A 290 -13.02 -13.39 -7.12
C ALA A 290 -12.30 -12.26 -6.42
N VAL A 291 -12.77 -11.02 -6.60
CA VAL A 291 -12.16 -9.88 -5.92
C VAL A 291 -12.28 -10.07 -4.41
N ALA A 292 -13.49 -10.34 -3.96
CA ALA A 292 -13.70 -10.56 -2.53
C ALA A 292 -12.86 -11.70 -1.99
N GLU A 293 -12.73 -12.80 -2.75
CA GLU A 293 -11.95 -13.94 -2.29
C GLU A 293 -10.48 -13.55 -2.16
N ALA A 294 -10.00 -12.73 -3.10
CA ALA A 294 -8.62 -12.31 -3.01
C ALA A 294 -8.41 -11.37 -1.85
N TYR A 295 -9.45 -10.69 -1.36
CA TYR A 295 -9.21 -9.92 -0.13
C TYR A 295 -9.42 -10.76 1.12
N LEU A 296 -10.37 -11.69 1.10
CA LEU A 296 -10.71 -12.50 2.28
C LEU A 296 -9.74 -13.64 2.52
N LYS A 297 -9.23 -14.26 1.47
CA LYS A 297 -8.39 -15.46 1.61
C LYS A 297 -7.07 -15.32 0.89
N PRO A 298 -6.28 -14.31 1.22
CA PRO A 298 -4.94 -14.17 0.62
C PRO A 298 -4.00 -15.22 1.16
N VAL A 299 -2.98 -15.48 0.35
CA VAL A 299 -1.87 -16.36 0.73
C VAL A 299 -0.93 -15.52 1.59
N VAL A 300 -0.80 -15.91 2.86
CA VAL A 300 0.06 -15.22 3.80
C VAL A 300 0.73 -16.21 4.75
N ASP A 301 1.86 -15.78 5.31
CA ASP A 301 2.60 -16.59 6.27
C ASP A 301 2.33 -16.05 7.66
N ASP A 302 1.58 -16.80 8.46
CA ASP A 302 1.30 -16.42 9.84
C ASP A 302 2.25 -17.05 10.85
N SER A 303 3.35 -17.65 10.40
CA SER A 303 4.21 -18.38 11.32
C SER A 303 4.89 -17.44 12.31
N LYS A 304 4.91 -17.86 13.57
CA LYS A 304 5.65 -17.13 14.58
C LYS A 304 7.12 -17.05 14.20
N GLY A 305 7.85 -16.23 14.93
CA GLY A 305 9.28 -16.13 14.75
C GLY A 305 9.75 -14.72 14.93
N SER A 306 10.59 -14.50 15.94
CA SER A 306 11.07 -13.16 16.24
C SER A 306 11.86 -12.59 15.07
N PHE A 307 11.67 -11.30 14.80
CA PHE A 307 12.55 -10.61 13.88
C PHE A 307 13.76 -10.08 14.66
N LEU A 308 14.78 -9.59 13.94
CA LEU A 308 16.00 -9.10 14.59
C LEU A 308 16.35 -7.72 14.10
N TRP A 309 16.72 -6.83 15.02
CA TRP A 309 17.10 -5.46 14.66
C TRP A 309 18.57 -5.27 14.95
N GLY A 310 19.33 -4.87 13.96
CA GLY A 310 20.70 -4.54 14.15
C GLY A 310 20.82 -3.13 14.62
N LYS A 311 21.88 -2.48 14.20
CA LYS A 311 22.07 -1.05 14.42
C LYS A 311 22.63 -0.49 13.13
N PRO A 312 22.51 0.81 12.92
CA PRO A 312 23.09 1.45 11.72
C PRO A 312 24.61 1.45 11.67
N ASP A 313 25.14 1.26 10.46
CA ASP A 313 26.59 1.21 10.19
C ASP A 313 27.04 2.51 9.54
N LEU A 314 27.78 3.35 10.28
CA LEU A 314 28.01 4.74 9.88
C LEU A 314 28.89 4.85 8.63
N ASP A 315 30.03 4.14 8.63
CA ASP A 315 30.96 4.25 7.50
C ASP A 315 30.31 3.79 6.21
N LYS A 316 29.76 2.58 6.23
CA LYS A 316 29.06 2.03 5.07
C LYS A 316 27.94 2.97 4.59
N ILE A 317 27.31 3.70 5.48
CA ILE A 317 26.27 4.61 5.00
C ILE A 317 26.87 5.87 4.40
N ARG A 318 28.02 6.34 4.89
CA ARG A 318 28.62 7.51 4.27
C ARG A 318 28.99 7.19 2.85
N GLU A 319 29.45 5.95 2.66
CA GLU A 319 29.78 5.46 1.34
C GLU A 319 28.54 5.41 0.43
N PHE A 320 27.51 4.67 0.86
CA PHE A 320 26.28 4.59 0.05
C PHE A 320 25.82 5.99 -0.37
N CYS A 321 25.76 6.92 0.59
CA CYS A 321 25.34 8.28 0.25
C CYS A 321 26.30 9.02 -0.67
N GLN A 322 27.57 8.62 -0.69
CA GLN A 322 28.46 9.16 -1.71
C GLN A 322 28.11 8.63 -3.08
N ARG A 323 28.06 7.30 -3.24
CA ARG A 323 27.91 6.70 -4.56
C ARG A 323 26.64 7.18 -5.24
N TYR A 324 25.56 7.35 -4.48
CA TYR A 324 24.23 7.55 -5.07
C TYR A 324 23.69 8.97 -4.95
N PHE A 325 23.85 9.63 -3.80
CA PHE A 325 23.44 11.02 -3.65
C PHE A 325 24.58 12.01 -3.81
N GLY A 326 25.81 11.51 -3.93
CA GLY A 326 26.97 12.40 -3.97
C GLY A 326 27.08 13.27 -2.75
N TRP A 327 26.83 12.70 -1.56
CA TRP A 327 26.93 13.45 -0.32
C TRP A 327 28.31 13.26 0.31
N ASN A 328 28.91 14.35 0.78
CA ASN A 328 30.15 14.21 1.51
C ASN A 328 29.86 13.81 2.94
N ARG A 329 30.91 13.36 3.63
CA ARG A 329 30.81 12.81 4.97
C ARG A 329 29.91 13.68 5.81
N THR A 330 30.10 14.98 5.68
CA THR A 330 29.46 15.93 6.58
C THR A 330 27.97 16.03 6.28
N LYS A 331 27.61 16.01 4.99
CA LYS A 331 26.20 16.05 4.59
C LYS A 331 25.47 14.80 5.07
N THR A 332 26.03 13.63 4.77
CA THR A 332 25.54 12.39 5.34
C THR A 332 25.36 12.49 6.85
N ASP A 333 26.34 13.06 7.54
CA ASP A 333 26.32 13.09 9.00
C ASP A 333 25.20 13.97 9.53
N GLU A 334 24.87 15.04 8.81
CA GLU A 334 23.79 15.90 9.26
C GLU A 334 22.52 15.07 9.47
N SER A 335 22.27 14.12 8.59
CA SER A 335 21.06 13.30 8.75
C SER A 335 21.28 12.16 9.74
N LEU A 336 22.48 11.60 9.81
CA LEU A 336 22.69 10.42 10.66
C LEU A 336 22.93 10.70 12.15
N PHE A 337 23.70 11.73 12.49
CA PHE A 337 24.06 11.92 13.91
C PHE A 337 22.84 12.08 14.81
N PRO A 338 21.84 12.87 14.48
CA PRO A 338 20.64 12.89 15.33
C PRO A 338 20.06 11.50 15.59
N VAL A 339 20.12 10.61 14.59
CA VAL A 339 19.51 9.29 14.74
C VAL A 339 20.35 8.44 15.70
N LEU A 340 21.67 8.41 15.50
CA LEU A 340 22.52 7.74 16.47
C LEU A 340 22.26 8.25 17.88
N LYS A 341 22.03 9.56 18.04
CA LYS A 341 21.79 10.10 19.38
C LYS A 341 20.52 9.49 19.96
N GLN A 342 19.42 9.55 19.23
CA GLN A 342 18.17 8.98 19.75
C GLN A 342 18.29 7.50 20.05
N LEU A 343 19.15 6.79 19.37
CA LEU A 343 19.17 5.35 19.63
C LEU A 343 19.88 4.96 20.92
N ASP A 344 20.67 5.86 21.53
CA ASP A 344 21.34 5.51 22.77
C ASP A 344 20.58 6.00 23.99
N ALA A 345 19.87 7.11 23.85
CA ALA A 345 19.02 7.63 24.90
C ALA A 345 17.89 6.66 25.21
N GLN A 346 17.15 6.98 26.27
CA GLN A 346 15.94 6.23 26.64
C GLN A 346 16.20 4.72 26.60
#